data_3BYO
#
_entry.id   3BYO
#
_cell.length_a   42.134
_cell.length_b   73.544
_cell.length_c   92.668
_cell.angle_alpha   90.0
_cell.angle_beta   90.0
_cell.angle_gamma   90.0
#
_symmetry.space_group_name_H-M   'P 21 21 21'
#
loop_
_entity.id
_entity.type
_entity.pdbx_description
1 polymer 'Proto-oncogene tyrosine-protein kinase LCK'
2 non-polymer 'SULFATE ION'
3 non-polymer "6-(2,6-dimethylphenyl)-2-{[4-(4-methylpiperazin-1-yl)phenyl]amino}pyrimido[5',4':5,6]pyrimido[1,2-a]benzimidazol-5(6H)-one"
4 water water
#
_entity_poly.entity_id   1
_entity_poly.type   'polypeptide(L)'
_entity_poly.pdbx_seq_one_letter_code
;KPWWEDEWEVPRETLKLVERLGAGQFGEVWMGYYNGHTKVAVKSLKQGSMSPDAFLAEANLMKQLQHQRLVRLYAVVTQE
PIYIITEYMENGSLVDFLKTPSGIKLTINKLLDMAAQIAEGMAFIEERNYIHRDLRAANILVSDTLSCKIADFGLARLIE
DNE(PTR)TAREGAKFPIKWTAPEAINYGTFTIKSDVWSFGILLTEIVTHGRIPYPGMTNPEVIQNLERGYRMVRPDNCP
EELYQLMRLCWKERPEDRPTFDYLRSVLEDFFTAT
;
_entity_poly.pdbx_strand_id   A
#
loop_
_chem_comp.id
_chem_comp.type
_chem_comp.name
_chem_comp.formula
AM9 non-polymer 6-(2,6-dimethylphenyl)-2-{[4-(4-methylpiperazin-1-yl)phenyl]amino}pyrimido[5',4':5,6]pyrimido[1,2-a]benzimidazol-5(6H)-one 'C31 H30 N8 O'
SO4 non-polymer 'SULFATE ION' 'O4 S -2'
#
# COMPACT_ATOMS: atom_id res chain seq x y z
N LYS A 1 -22.60 -4.65 -12.65
CA LYS A 1 -23.95 -4.10 -12.96
C LYS A 1 -23.75 -2.94 -13.92
N PRO A 2 -24.74 -2.68 -14.78
CA PRO A 2 -24.60 -1.57 -15.72
C PRO A 2 -24.57 -0.26 -14.95
N TRP A 3 -23.98 0.79 -15.52
CA TRP A 3 -23.88 2.04 -14.80
C TRP A 3 -25.21 2.61 -14.30
N TRP A 4 -26.31 2.34 -14.99
CA TRP A 4 -27.60 2.87 -14.57
C TRP A 4 -28.18 2.13 -13.37
N GLU A 5 -27.54 1.05 -12.94
CA GLU A 5 -27.99 0.31 -11.78
C GLU A 5 -26.89 0.24 -10.71
N ASP A 6 -25.65 0.47 -11.12
CA ASP A 6 -24.51 0.40 -10.20
C ASP A 6 -24.60 1.42 -9.05
N GLU A 7 -24.56 0.94 -7.81
CA GLU A 7 -24.61 1.81 -6.62
C GLU A 7 -23.54 2.90 -6.61
N TRP A 8 -22.38 2.59 -7.20
CA TRP A 8 -21.25 3.52 -7.21
C TRP A 8 -21.19 4.60 -8.27
N GLU A 9 -21.97 4.46 -9.34
CA GLU A 9 -21.96 5.46 -10.40
C GLU A 9 -22.65 6.74 -9.93
N VAL A 10 -22.00 7.88 -10.14
CA VAL A 10 -22.58 9.17 -9.77
C VAL A 10 -22.40 10.16 -10.92
N PRO A 11 -23.33 11.13 -11.04
CA PRO A 11 -23.25 12.14 -12.11
C PRO A 11 -21.99 12.96 -11.90
N ARG A 12 -21.30 13.30 -12.99
CA ARG A 12 -20.08 14.08 -12.91
C ARG A 12 -20.34 15.47 -12.33
N GLU A 13 -21.61 15.90 -12.36
CA GLU A 13 -22.00 17.21 -11.84
C GLU A 13 -21.84 17.29 -10.33
N THR A 14 -21.86 16.14 -9.67
CA THR A 14 -21.72 16.09 -8.22
C THR A 14 -20.30 16.42 -7.75
N LEU A 15 -19.35 16.39 -8.68
CA LEU A 15 -17.96 16.64 -8.31
C LEU A 15 -17.38 17.99 -8.71
N LYS A 16 -16.59 18.55 -7.82
CA LYS A 16 -15.92 19.82 -8.04
C LYS A 16 -14.44 19.61 -7.71
N LEU A 17 -13.60 19.62 -8.74
CA LEU A 17 -12.18 19.43 -8.55
C LEU A 17 -11.55 20.74 -8.06
N VAL A 18 -10.88 20.70 -6.92
CA VAL A 18 -10.31 21.92 -6.37
C VAL A 18 -8.80 22.07 -6.42
N GLU A 19 -8.06 21.01 -6.12
CA GLU A 19 -6.61 21.07 -6.12
C GLU A 19 -5.95 19.79 -6.64
N ARG A 20 -5.03 19.95 -7.59
CA ARG A 20 -4.35 18.78 -8.15
C ARG A 20 -3.28 18.29 -7.18
N LEU A 21 -3.32 16.99 -6.91
CA LEU A 21 -2.38 16.34 -6.00
C LEU A 21 -1.31 15.62 -6.77
N GLY A 22 -1.62 15.25 -8.00
CA GLY A 22 -0.66 14.54 -8.84
C GLY A 22 -1.04 14.52 -10.30
N ALA A 23 -0.03 14.45 -11.16
CA ALA A 23 -0.27 14.41 -12.60
C ALA A 23 0.76 13.46 -13.20
N GLY A 24 0.31 12.65 -14.15
CA GLY A 24 1.24 11.72 -14.74
C GLY A 24 0.82 11.27 -16.11
N GLN A 25 1.53 10.27 -16.59
CA GLN A 25 1.32 9.67 -17.89
C GLN A 25 -0.16 9.27 -18.14
N PHE A 26 -0.74 8.59 -17.16
CA PHE A 26 -2.11 8.09 -17.31
C PHE A 26 -3.23 9.00 -16.79
N GLY A 27 -2.89 10.22 -16.38
CA GLY A 27 -3.94 11.09 -15.90
C GLY A 27 -3.57 11.92 -14.69
N GLU A 28 -4.58 12.43 -14.00
CA GLU A 28 -4.34 13.28 -12.84
C GLU A 28 -5.15 12.84 -11.63
N VAL A 29 -4.72 13.31 -10.46
CA VAL A 29 -5.43 13.03 -9.23
C VAL A 29 -5.68 14.37 -8.54
N TRP A 30 -6.94 14.60 -8.18
CA TRP A 30 -7.32 15.85 -7.55
C TRP A 30 -8.01 15.73 -6.20
N MET A 31 -7.91 16.78 -5.40
CA MET A 31 -8.63 16.85 -4.14
C MET A 31 -9.86 17.61 -4.62
N GLY A 32 -11.05 17.19 -4.19
CA GLY A 32 -12.24 17.86 -4.62
C GLY A 32 -13.40 17.68 -3.67
N TYR A 33 -14.58 18.14 -4.06
CA TYR A 33 -15.75 18.01 -3.21
C TYR A 33 -16.91 17.35 -3.93
N TYR A 34 -17.59 16.46 -3.21
CA TYR A 34 -18.76 15.75 -3.73
C TYR A 34 -19.97 16.48 -3.14
N ASN A 35 -20.89 16.91 -4.00
CA ASN A 35 -22.07 17.64 -3.53
C ASN A 35 -21.69 18.78 -2.59
N GLY A 36 -20.64 19.50 -2.97
CA GLY A 36 -20.18 20.65 -2.21
C GLY A 36 -19.55 20.49 -0.84
N HIS A 37 -20.01 19.54 -0.04
CA HIS A 37 -19.48 19.41 1.32
C HIS A 37 -18.51 18.28 1.63
N THR A 38 -18.53 17.21 0.85
CA THR A 38 -17.65 16.07 1.14
C THR A 38 -16.35 16.02 0.36
N LYS A 39 -15.26 16.20 1.10
CA LYS A 39 -13.91 16.20 0.55
C LYS A 39 -13.55 14.79 0.08
N VAL A 40 -13.13 14.69 -1.19
CA VAL A 40 -12.76 13.41 -1.79
C VAL A 40 -11.53 13.54 -2.67
N ALA A 41 -10.98 12.40 -3.07
CA ALA A 41 -9.83 12.38 -3.97
C ALA A 41 -10.41 11.87 -5.28
N VAL A 42 -10.03 12.50 -6.39
CA VAL A 42 -10.54 12.09 -7.70
C VAL A 42 -9.43 11.78 -8.67
N LYS A 43 -9.48 10.58 -9.23
CA LYS A 43 -8.47 10.12 -10.18
C LYS A 43 -9.12 10.13 -11.55
N SER A 44 -8.50 10.86 -12.49
CA SER A 44 -9.04 10.95 -13.83
C SER A 44 -8.12 10.27 -14.83
N LEU A 45 -8.72 9.55 -15.75
CA LEU A 45 -7.97 8.83 -16.77
C LEU A 45 -7.77 9.68 -18.02
N LYS A 46 -6.55 9.67 -18.52
CA LYS A 46 -6.20 10.42 -19.73
C LYS A 46 -6.61 9.57 -20.93
N GLN A 47 -7.64 9.99 -21.64
CA GLN A 47 -8.12 9.24 -22.80
C GLN A 47 -6.95 8.88 -23.69
N GLY A 48 -6.85 7.59 -24.01
CA GLY A 48 -5.77 7.14 -24.87
C GLY A 48 -4.50 6.68 -24.17
N SER A 49 -4.28 7.09 -22.92
CA SER A 49 -3.07 6.69 -22.20
C SER A 49 -3.06 5.21 -21.86
N MET A 50 -4.23 4.65 -21.61
CA MET A 50 -4.33 3.23 -21.26
C MET A 50 -5.76 2.75 -21.42
N SER A 51 -5.96 1.44 -21.35
CA SER A 51 -7.30 0.88 -21.49
C SER A 51 -8.22 1.32 -20.36
N PRO A 52 -9.44 1.76 -20.68
CA PRO A 52 -10.39 2.18 -19.66
C PRO A 52 -10.76 1.00 -18.75
N ASP A 53 -10.84 -0.19 -19.35
CA ASP A 53 -11.16 -1.41 -18.63
C ASP A 53 -10.07 -1.64 -17.58
N ALA A 54 -8.83 -1.36 -17.97
CA ALA A 54 -7.68 -1.52 -17.07
C ALA A 54 -7.78 -0.52 -15.93
N PHE A 55 -8.12 0.72 -16.28
CA PHE A 55 -8.25 1.80 -15.31
C PHE A 55 -9.29 1.50 -14.22
N LEU A 56 -10.46 1.04 -14.62
CA LEU A 56 -11.55 0.74 -13.68
C LEU A 56 -11.45 -0.55 -12.89
N ALA A 57 -10.61 -1.48 -13.34
CA ALA A 57 -10.47 -2.75 -12.64
C ALA A 57 -10.08 -2.55 -11.18
N GLU A 58 -9.30 -1.51 -10.93
CA GLU A 58 -8.86 -1.17 -9.59
C GLU A 58 -10.09 -0.82 -8.74
N ALA A 59 -10.96 0.02 -9.30
CA ALA A 59 -12.18 0.44 -8.62
C ALA A 59 -13.07 -0.78 -8.37
N ASN A 60 -13.17 -1.66 -9.36
CA ASN A 60 -13.99 -2.85 -9.19
C ASN A 60 -13.48 -3.72 -8.04
N LEU A 61 -12.16 -3.79 -7.88
CA LEU A 61 -11.61 -4.61 -6.80
C LEU A 61 -12.01 -3.99 -5.46
N MET A 62 -11.82 -2.69 -5.33
CA MET A 62 -12.16 -1.97 -4.12
C MET A 62 -13.63 -2.11 -3.77
N LYS A 63 -14.47 -2.43 -4.75
CA LYS A 63 -15.89 -2.60 -4.48
C LYS A 63 -16.02 -3.88 -3.65
N GLN A 64 -15.04 -4.76 -3.80
CA GLN A 64 -14.97 -6.06 -3.11
C GLN A 64 -14.21 -6.04 -1.79
N LEU A 65 -13.29 -5.10 -1.62
CA LEU A 65 -12.49 -4.99 -0.39
C LEU A 65 -12.77 -3.74 0.38
N GLN A 66 -13.72 -3.78 1.31
CA GLN A 66 -14.01 -2.59 2.09
C GLN A 66 -13.66 -2.86 3.55
N HIS A 67 -12.96 -1.93 4.18
CA HIS A 67 -12.59 -2.06 5.59
C HIS A 67 -12.08 -0.71 6.08
N GLN A 68 -12.22 -0.44 7.37
CA GLN A 68 -11.78 0.85 7.93
C GLN A 68 -10.31 1.14 7.67
N ARG A 69 -9.50 0.09 7.61
CA ARG A 69 -8.07 0.25 7.42
C ARG A 69 -7.60 0.29 5.96
N LEU A 70 -8.54 0.38 5.03
CA LEU A 70 -8.20 0.44 3.60
C LEU A 70 -8.92 1.63 2.96
N VAL A 71 -8.21 2.42 2.16
CA VAL A 71 -8.81 3.57 1.52
C VAL A 71 -10.10 3.12 0.84
N ARG A 72 -11.19 3.81 1.16
CA ARG A 72 -12.51 3.46 0.65
C ARG A 72 -12.90 4.06 -0.69
N LEU A 73 -13.48 3.22 -1.54
CA LEU A 73 -13.95 3.68 -2.84
C LEU A 73 -15.23 4.47 -2.58
N TYR A 74 -15.38 5.63 -3.20
CA TYR A 74 -16.57 6.44 -3.03
C TYR A 74 -17.55 6.35 -4.18
N ALA A 75 -17.04 6.44 -5.41
CA ALA A 75 -17.90 6.38 -6.59
C ALA A 75 -17.05 6.28 -7.82
N VAL A 76 -17.72 6.18 -8.96
CA VAL A 76 -17.08 6.10 -10.26
C VAL A 76 -17.93 6.83 -11.29
N VAL A 77 -17.27 7.39 -12.30
CA VAL A 77 -17.95 8.05 -13.40
C VAL A 77 -17.37 7.28 -14.57
N THR A 78 -18.17 6.42 -15.18
CA THR A 78 -17.69 5.59 -16.25
C THR A 78 -17.83 6.14 -17.68
N GLN A 79 -17.96 7.46 -17.81
CA GLN A 79 -18.04 8.09 -19.12
C GLN A 79 -16.78 8.92 -19.26
N GLU A 80 -16.17 8.88 -20.44
CA GLU A 80 -14.94 9.63 -20.69
C GLU A 80 -15.07 11.12 -20.47
N PRO A 81 -14.16 11.69 -19.66
CA PRO A 81 -13.09 10.97 -19.00
C PRO A 81 -13.66 10.23 -17.78
N ILE A 82 -13.16 9.02 -17.58
CA ILE A 82 -13.57 8.13 -16.50
C ILE A 82 -12.91 8.64 -15.23
N TYR A 83 -13.65 8.57 -14.13
CA TYR A 83 -13.14 9.03 -12.84
C TYR A 83 -13.29 7.91 -11.81
N ILE A 84 -12.38 7.90 -10.85
CA ILE A 84 -12.43 6.97 -9.72
C ILE A 84 -12.37 7.93 -8.52
N ILE A 85 -13.41 7.93 -7.71
CA ILE A 85 -13.46 8.81 -6.55
C ILE A 85 -13.29 8.01 -5.27
N THR A 86 -12.42 8.48 -4.38
CA THR A 86 -12.17 7.76 -3.15
C THR A 86 -12.12 8.61 -1.90
N GLU A 87 -11.92 7.93 -0.78
CA GLU A 87 -11.79 8.52 0.54
C GLU A 87 -10.51 9.36 0.58
N TYR A 88 -10.67 10.64 0.91
CA TYR A 88 -9.53 11.56 0.98
C TYR A 88 -8.76 11.42 2.28
N MET A 89 -7.44 11.26 2.15
CA MET A 89 -6.57 11.12 3.31
C MET A 89 -5.77 12.43 3.41
N GLU A 90 -6.15 13.25 4.39
CA GLU A 90 -5.56 14.56 4.60
C GLU A 90 -4.03 14.67 4.61
N ASN A 91 -3.35 13.72 5.25
CA ASN A 91 -1.90 13.81 5.32
C ASN A 91 -1.10 13.07 4.26
N GLY A 92 -1.74 12.72 3.17
CA GLY A 92 -1.06 12.04 2.07
C GLY A 92 -0.38 10.73 2.38
N SER A 93 0.64 10.38 1.59
CA SER A 93 1.35 9.13 1.78
C SER A 93 2.26 9.15 2.99
N LEU A 94 2.41 7.99 3.61
CA LEU A 94 3.23 7.85 4.80
C LEU A 94 4.69 8.21 4.56
N VAL A 95 5.22 7.81 3.41
CA VAL A 95 6.62 8.11 3.12
C VAL A 95 6.86 9.62 3.10
N ASP A 96 5.87 10.37 2.64
CA ASP A 96 5.99 11.83 2.59
C ASP A 96 5.75 12.47 3.95
N PHE A 97 4.72 11.99 4.65
CA PHE A 97 4.38 12.54 5.95
C PHE A 97 5.46 12.41 7.01
N LEU A 98 6.15 11.28 7.00
CA LEU A 98 7.21 11.04 7.98
C LEU A 98 8.34 12.04 7.83
N LYS A 99 8.36 12.76 6.71
CA LYS A 99 9.39 13.75 6.43
C LYS A 99 9.00 15.18 6.80
N THR A 100 7.73 15.41 7.09
CA THR A 100 7.25 16.74 7.46
C THR A 100 7.66 17.05 8.89
N PRO A 101 7.57 18.32 9.31
CA PRO A 101 7.96 18.66 10.68
C PRO A 101 7.22 17.80 11.70
N SER A 102 5.97 17.47 11.40
CA SER A 102 5.14 16.65 12.29
C SER A 102 5.61 15.20 12.30
N GLY A 103 5.79 14.64 11.11
CA GLY A 103 6.24 13.26 11.00
C GLY A 103 7.57 13.02 11.69
N ILE A 104 8.48 13.98 11.53
CA ILE A 104 9.80 13.91 12.12
C ILE A 104 9.80 13.82 13.65
N LYS A 105 8.81 14.44 14.28
CA LYS A 105 8.71 14.44 15.73
C LYS A 105 8.04 13.22 16.34
N LEU A 106 7.43 12.40 15.49
CA LEU A 106 6.74 11.19 15.97
C LEU A 106 7.66 10.33 16.82
N THR A 107 7.15 9.83 17.93
CA THR A 107 7.93 8.97 18.82
C THR A 107 7.87 7.55 18.29
N ILE A 108 8.77 6.69 18.76
CA ILE A 108 8.77 5.30 18.30
C ILE A 108 7.44 4.66 18.65
N ASN A 109 6.81 5.15 19.71
CA ASN A 109 5.51 4.62 20.15
C ASN A 109 4.45 4.81 19.08
N LYS A 110 4.42 5.99 18.48
CA LYS A 110 3.44 6.28 17.44
C LYS A 110 3.78 5.58 16.14
N LEU A 111 5.08 5.37 15.89
CA LEU A 111 5.51 4.68 14.68
C LEU A 111 5.06 3.22 14.76
N LEU A 112 5.17 2.61 15.94
CA LEU A 112 4.77 1.22 16.16
C LEU A 112 3.25 1.12 16.07
N ASP A 113 2.58 2.15 16.56
CA ASP A 113 1.12 2.22 16.51
C ASP A 113 0.74 2.12 15.04
N MET A 114 1.27 3.04 14.24
CA MET A 114 0.99 3.05 12.81
C MET A 114 1.33 1.72 12.14
N ALA A 115 2.48 1.15 12.49
CA ALA A 115 2.90 -0.13 11.91
C ALA A 115 1.84 -1.20 12.15
N ALA A 116 1.28 -1.21 13.36
CA ALA A 116 0.24 -2.18 13.71
C ALA A 116 -1.04 -1.89 12.93
N GLN A 117 -1.35 -0.62 12.73
CA GLN A 117 -2.55 -0.24 11.98
C GLN A 117 -2.47 -0.78 10.56
N ILE A 118 -1.26 -0.72 10.01
CA ILE A 118 -1.00 -1.19 8.66
C ILE A 118 -1.13 -2.71 8.63
N ALA A 119 -0.52 -3.40 9.61
CA ALA A 119 -0.61 -4.85 9.65
C ALA A 119 -2.07 -5.28 9.83
N GLU A 120 -2.84 -4.44 10.53
CA GLU A 120 -4.26 -4.70 10.76
C GLU A 120 -4.99 -4.71 9.43
N GLY A 121 -4.72 -3.70 8.62
CA GLY A 121 -5.36 -3.62 7.32
C GLY A 121 -4.97 -4.82 6.47
N MET A 122 -3.69 -5.18 6.50
CA MET A 122 -3.24 -6.32 5.72
C MET A 122 -3.85 -7.64 6.23
N ALA A 123 -4.08 -7.74 7.54
CA ALA A 123 -4.69 -8.94 8.11
C ALA A 123 -6.06 -9.17 7.46
N PHE A 124 -6.78 -8.07 7.21
CA PHE A 124 -8.09 -8.17 6.57
C PHE A 124 -7.91 -8.68 5.14
N ILE A 125 -6.98 -8.05 4.41
CA ILE A 125 -6.69 -8.43 3.03
C ILE A 125 -6.30 -9.91 3.02
N GLU A 126 -5.46 -10.30 3.97
CA GLU A 126 -5.00 -11.66 4.11
C GLU A 126 -6.18 -12.63 4.32
N GLU A 127 -7.11 -12.22 5.18
CA GLU A 127 -8.29 -13.02 5.51
C GLU A 127 -9.28 -13.20 4.35
N ARG A 128 -9.42 -12.16 3.52
CA ARG A 128 -10.32 -12.19 2.37
C ARG A 128 -9.73 -12.90 1.14
N ASN A 129 -8.57 -13.52 1.32
CA ASN A 129 -7.91 -14.23 0.23
C ASN A 129 -7.33 -13.35 -0.87
N TYR A 130 -6.93 -12.13 -0.51
CA TYR A 130 -6.34 -11.22 -1.47
C TYR A 130 -4.85 -11.03 -1.17
N ILE A 131 -4.18 -10.40 -2.13
CA ILE A 131 -2.78 -10.03 -1.99
C ILE A 131 -2.73 -8.62 -2.56
N HIS A 132 -1.80 -7.82 -2.06
CA HIS A 132 -1.66 -6.44 -2.50
C HIS A 132 -0.59 -6.29 -3.59
N ARG A 133 0.57 -6.88 -3.33
CA ARG A 133 1.70 -6.86 -4.26
C ARG A 133 2.45 -5.55 -4.41
N ASP A 134 1.95 -4.47 -3.83
CA ASP A 134 2.60 -3.17 -3.96
C ASP A 134 2.63 -2.47 -2.60
N LEU A 135 2.83 -3.27 -1.56
CA LEU A 135 2.89 -2.77 -0.18
C LEU A 135 4.21 -2.06 0.08
N ARG A 136 4.11 -0.77 0.39
CA ARG A 136 5.27 0.07 0.66
C ARG A 136 4.77 1.39 1.26
N ALA A 137 5.64 2.08 1.97
CA ALA A 137 5.28 3.34 2.61
C ALA A 137 4.57 4.31 1.65
N ALA A 138 4.99 4.33 0.40
CA ALA A 138 4.39 5.21 -0.60
C ALA A 138 2.91 4.87 -0.79
N ASN A 139 2.55 3.62 -0.50
CA ASN A 139 1.18 3.19 -0.66
C ASN A 139 0.35 3.06 0.62
N ILE A 140 0.78 3.81 1.64
CA ILE A 140 0.05 3.85 2.90
C ILE A 140 -0.34 5.32 3.05
N LEU A 141 -1.64 5.60 3.19
CA LEU A 141 -2.07 6.99 3.34
C LEU A 141 -2.37 7.29 4.79
N VAL A 142 -2.13 8.54 5.18
CA VAL A 142 -2.32 9.00 6.55
C VAL A 142 -3.48 10.01 6.68
N SER A 143 -4.30 9.85 7.70
CA SER A 143 -5.44 10.73 7.93
C SER A 143 -5.07 11.92 8.79
N ASP A 144 -6.02 12.85 8.92
CA ASP A 144 -5.80 14.05 9.72
C ASP A 144 -5.64 13.70 11.21
N THR A 145 -6.13 12.52 11.61
CA THR A 145 -6.01 12.10 13.01
C THR A 145 -4.80 11.18 13.18
N LEU A 146 -3.99 11.10 12.14
CA LEU A 146 -2.78 10.28 12.15
C LEU A 146 -3.03 8.78 12.24
N SER A 147 -4.02 8.33 11.49
CA SER A 147 -4.33 6.91 11.40
C SER A 147 -3.92 6.58 9.97
N CYS A 148 -3.52 5.33 9.75
CA CYS A 148 -3.07 4.87 8.43
C CYS A 148 -4.02 3.89 7.76
N LYS A 149 -4.00 3.90 6.43
CA LYS A 149 -4.84 3.01 5.63
C LYS A 149 -4.09 2.52 4.40
N ILE A 150 -4.40 1.30 3.97
CA ILE A 150 -3.76 0.71 2.80
C ILE A 150 -4.39 1.31 1.56
N ALA A 151 -3.56 1.60 0.56
CA ALA A 151 -4.03 2.18 -0.69
C ALA A 151 -3.40 1.56 -1.93
N ASP A 152 -3.87 2.01 -3.09
CA ASP A 152 -3.41 1.55 -4.38
C ASP A 152 -3.50 0.05 -4.56
N PHE A 153 -4.67 -0.42 -4.96
CA PHE A 153 -4.91 -1.84 -5.17
C PHE A 153 -4.81 -2.17 -6.65
N GLY A 154 -3.99 -1.40 -7.37
CA GLY A 154 -3.81 -1.61 -8.79
C GLY A 154 -3.30 -2.99 -9.15
N LEU A 155 -2.38 -3.51 -8.32
CA LEU A 155 -1.82 -4.84 -8.54
C LEU A 155 -2.48 -5.89 -7.65
N ALA A 156 -3.36 -5.45 -6.75
CA ALA A 156 -4.04 -6.36 -5.83
C ALA A 156 -4.83 -7.41 -6.61
N ARG A 157 -4.88 -8.63 -6.07
CA ARG A 157 -5.59 -9.71 -6.76
C ARG A 157 -6.21 -10.70 -5.80
N LEU A 158 -7.40 -11.18 -6.15
CA LEU A 158 -8.09 -12.17 -5.34
C LEU A 158 -7.32 -13.46 -5.62
N ILE A 159 -6.94 -14.16 -4.57
CA ILE A 159 -6.19 -15.38 -4.75
C ILE A 159 -7.09 -16.59 -4.69
N GLU A 160 -7.34 -17.17 -5.84
CA GLU A 160 -8.23 -18.32 -5.90
C GLU A 160 -7.60 -19.59 -5.31
N ASP A 161 -6.31 -19.79 -5.55
CA ASP A 161 -5.63 -20.95 -4.99
C ASP A 161 -4.65 -20.54 -3.86
N ASN A 162 -3.36 -20.42 -4.13
CA ASN A 162 -2.35 -19.99 -3.12
C ASN A 162 -1.56 -18.81 -3.67
N GLU A 163 -1.15 -18.93 -4.93
CA GLU A 163 -0.36 -17.87 -5.54
C GLU A 163 -0.89 -17.34 -6.85
N PTR A 164 -0.35 -16.20 -7.25
CA PTR A 164 -0.69 -15.56 -8.50
C PTR A 164 0.67 -15.49 -9.19
O PTR A 164 1.71 -15.18 -8.57
CB PTR A 164 -1.32 -14.17 -8.24
CG PTR A 164 -1.32 -13.23 -9.44
CD1 PTR A 164 -0.15 -12.62 -9.84
CD2 PTR A 164 -2.48 -13.04 -10.18
CE1 PTR A 164 -0.13 -11.82 -10.98
CE2 PTR A 164 -2.48 -12.23 -11.34
CZ PTR A 164 -1.30 -11.64 -11.73
OH PTR A 164 -1.07 -10.91 -12.90
P PTR A 164 -2.27 -10.48 -13.90
O1P PTR A 164 -1.73 -10.64 -15.34
O2P PTR A 164 -2.55 -9.01 -13.55
O3P PTR A 164 -3.43 -11.40 -13.58
N THR A 165 0.68 -15.84 -10.47
CA THR A 165 1.91 -15.81 -11.25
C THR A 165 1.82 -14.67 -12.24
N ALA A 166 2.72 -13.70 -12.09
CA ALA A 166 2.74 -12.54 -12.98
C ALA A 166 3.21 -12.98 -14.35
N ARG A 167 3.41 -12.03 -15.26
CA ARG A 167 3.87 -12.36 -16.61
C ARG A 167 5.38 -12.29 -16.69
N GLU A 168 5.96 -13.12 -17.55
CA GLU A 168 7.41 -13.16 -17.71
C GLU A 168 8.01 -11.80 -18.00
N GLY A 169 7.16 -10.84 -18.36
CA GLY A 169 7.65 -9.51 -18.66
C GLY A 169 7.41 -8.51 -17.54
N ALA A 170 6.43 -8.79 -16.69
CA ALA A 170 6.11 -7.89 -15.58
C ALA A 170 7.37 -7.55 -14.76
N LYS A 171 7.49 -6.29 -14.33
CA LYS A 171 8.64 -5.88 -13.54
C LYS A 171 8.18 -5.24 -12.23
N PHE A 172 8.94 -5.45 -11.16
CA PHE A 172 8.58 -4.90 -9.85
C PHE A 172 9.78 -4.33 -9.09
N PRO A 173 9.52 -3.41 -8.16
CA PRO A 173 10.55 -2.76 -7.34
C PRO A 173 11.35 -3.85 -6.66
N ILE A 174 12.63 -3.95 -6.98
CA ILE A 174 13.48 -4.98 -6.39
C ILE A 174 13.61 -4.92 -4.88
N LYS A 175 13.88 -3.75 -4.33
CA LYS A 175 14.05 -3.62 -2.90
C LYS A 175 12.86 -3.96 -2.02
N TRP A 176 11.65 -3.86 -2.57
CA TRP A 176 10.43 -4.13 -1.80
C TRP A 176 9.81 -5.50 -2.02
N THR A 177 10.20 -6.16 -3.11
CA THR A 177 9.62 -7.45 -3.46
C THR A 177 10.37 -8.68 -2.94
N ALA A 178 9.60 -9.71 -2.57
CA ALA A 178 10.15 -10.94 -2.04
C ALA A 178 10.89 -11.71 -3.14
N PRO A 179 11.93 -12.46 -2.76
CA PRO A 179 12.73 -13.24 -3.72
C PRO A 179 11.94 -14.12 -4.68
N GLU A 180 10.98 -14.88 -4.15
CA GLU A 180 10.19 -15.77 -4.98
C GLU A 180 9.50 -15.01 -6.10
N ALA A 181 9.01 -13.82 -5.78
CA ALA A 181 8.32 -12.98 -6.75
C ALA A 181 9.28 -12.43 -7.79
N ILE A 182 10.44 -11.98 -7.33
CA ILE A 182 11.46 -11.45 -8.25
C ILE A 182 11.99 -12.56 -9.17
N ASN A 183 12.18 -13.75 -8.63
CA ASN A 183 12.75 -14.84 -9.43
C ASN A 183 11.77 -15.72 -10.20
N TYR A 184 10.58 -15.96 -9.65
CA TYR A 184 9.60 -16.80 -10.31
C TYR A 184 8.32 -16.07 -10.72
N GLY A 185 8.19 -14.83 -10.26
CA GLY A 185 6.99 -14.08 -10.57
C GLY A 185 5.80 -14.64 -9.82
N THR A 186 6.06 -15.40 -8.76
CA THR A 186 4.99 -15.99 -7.97
C THR A 186 4.72 -15.16 -6.71
N PHE A 187 3.47 -14.74 -6.54
CA PHE A 187 3.06 -13.96 -5.39
C PHE A 187 2.05 -14.67 -4.52
N THR A 188 2.24 -14.54 -3.20
CA THR A 188 1.31 -15.09 -2.23
C THR A 188 1.22 -14.03 -1.14
N ILE A 189 0.37 -14.22 -0.15
CA ILE A 189 0.26 -13.25 0.91
C ILE A 189 1.61 -13.17 1.61
N LYS A 190 2.40 -14.25 1.53
CA LYS A 190 3.71 -14.29 2.17
C LYS A 190 4.67 -13.32 1.50
N SER A 191 4.39 -12.99 0.24
CA SER A 191 5.23 -12.05 -0.50
C SER A 191 4.96 -10.67 0.09
N ASP A 192 3.69 -10.40 0.40
CA ASP A 192 3.32 -9.13 1.01
C ASP A 192 4.00 -9.03 2.37
N VAL A 193 4.06 -10.15 3.09
CA VAL A 193 4.71 -10.15 4.39
C VAL A 193 6.14 -9.64 4.26
N TRP A 194 6.86 -10.13 3.26
CA TRP A 194 8.24 -9.67 3.05
C TRP A 194 8.24 -8.17 2.84
N SER A 195 7.35 -7.68 1.98
CA SER A 195 7.25 -6.26 1.69
C SER A 195 6.98 -5.47 2.97
N PHE A 196 6.17 -6.04 3.86
CA PHE A 196 5.87 -5.39 5.13
C PHE A 196 7.18 -5.17 5.89
N GLY A 197 8.04 -6.18 5.89
CA GLY A 197 9.30 -6.06 6.58
C GLY A 197 10.03 -4.83 6.07
N ILE A 198 10.12 -4.70 4.75
CA ILE A 198 10.78 -3.55 4.16
C ILE A 198 10.06 -2.26 4.58
N LEU A 199 8.73 -2.29 4.57
CA LEU A 199 7.96 -1.12 4.95
C LEU A 199 8.29 -0.70 6.39
N LEU A 200 8.53 -1.68 7.26
CA LEU A 200 8.87 -1.38 8.64
C LEU A 200 10.15 -0.53 8.70
N THR A 201 11.09 -0.79 7.80
CA THR A 201 12.32 -0.01 7.79
C THR A 201 12.02 1.42 7.35
N GLU A 202 11.07 1.57 6.44
CA GLU A 202 10.70 2.90 5.98
C GLU A 202 10.11 3.71 7.13
N ILE A 203 9.33 3.04 7.97
CA ILE A 203 8.71 3.71 9.12
C ILE A 203 9.75 4.20 10.12
N VAL A 204 10.61 3.30 10.56
CA VAL A 204 11.63 3.63 11.56
C VAL A 204 12.71 4.64 11.09
N THR A 205 12.93 4.74 9.79
CA THR A 205 13.93 5.68 9.28
C THR A 205 13.27 6.95 8.77
N HIS A 206 11.97 7.09 9.03
CA HIS A 206 11.22 8.25 8.59
C HIS A 206 11.30 8.45 7.09
N GLY A 207 11.03 7.38 6.34
CA GLY A 207 11.01 7.45 4.89
C GLY A 207 12.28 7.23 4.07
N ARG A 208 13.34 6.73 4.70
CA ARG A 208 14.58 6.50 3.96
C ARG A 208 14.46 5.30 3.01
N ILE A 209 15.17 5.36 1.89
CA ILE A 209 15.17 4.28 0.91
C ILE A 209 15.84 3.06 1.53
N PRO A 210 15.19 1.88 1.41
CA PRO A 210 15.76 0.66 1.99
C PRO A 210 17.14 0.30 1.42
N TYR A 211 17.89 -0.49 2.18
CA TYR A 211 19.23 -0.93 1.74
C TYR A 211 20.09 0.26 1.32
N PRO A 212 20.36 1.18 2.26
CA PRO A 212 21.16 2.37 2.00
C PRO A 212 22.49 2.10 1.31
N GLY A 213 22.77 2.89 0.28
CA GLY A 213 24.02 2.77 -0.44
C GLY A 213 24.17 1.53 -1.30
N MET A 214 23.06 0.85 -1.58
CA MET A 214 23.13 -0.35 -2.39
C MET A 214 22.26 -0.29 -3.62
N THR A 215 22.80 -0.78 -4.73
CA THR A 215 22.07 -0.83 -5.99
C THR A 215 21.23 -2.11 -5.94
N ASN A 216 20.30 -2.27 -6.87
CA ASN A 216 19.48 -3.47 -6.86
C ASN A 216 20.30 -4.75 -6.98
N PRO A 217 21.28 -4.81 -7.92
CA PRO A 217 22.00 -6.09 -7.96
C PRO A 217 22.81 -6.40 -6.72
N GLU A 218 23.20 -5.36 -5.98
CA GLU A 218 23.96 -5.55 -4.75
C GLU A 218 23.05 -6.19 -3.71
N VAL A 219 21.82 -5.71 -3.70
CA VAL A 219 20.78 -6.19 -2.80
C VAL A 219 20.50 -7.67 -3.06
N ILE A 220 20.30 -8.04 -4.32
CA ILE A 220 20.02 -9.42 -4.70
C ILE A 220 21.19 -10.33 -4.34
N GLN A 221 22.40 -9.83 -4.57
CA GLN A 221 23.60 -10.60 -4.26
C GLN A 221 23.68 -10.88 -2.76
N ASN A 222 23.50 -9.84 -1.96
CA ASN A 222 23.56 -9.99 -0.52
C ASN A 222 22.45 -10.88 0.02
N LEU A 223 21.24 -10.75 -0.53
CA LEU A 223 20.16 -11.58 -0.07
C LEU A 223 20.47 -13.04 -0.28
N GLU A 224 20.96 -13.37 -1.47
CA GLU A 224 21.31 -14.74 -1.81
C GLU A 224 22.38 -15.31 -0.88
N ARG A 225 23.14 -14.44 -0.23
CA ARG A 225 24.20 -14.90 0.69
C ARG A 225 23.63 -15.21 2.07
N GLY A 226 22.38 -14.84 2.29
CA GLY A 226 21.76 -15.06 3.58
C GLY A 226 21.68 -13.75 4.34
N TYR A 227 22.33 -12.71 3.81
CA TYR A 227 22.31 -11.40 4.46
C TYR A 227 20.92 -10.79 4.31
N ARG A 228 20.61 -9.87 5.22
CA ARG A 228 19.36 -9.13 5.20
C ARG A 228 19.77 -7.66 5.43
N MET A 229 18.81 -6.75 5.30
CA MET A 229 19.13 -5.35 5.46
C MET A 229 19.81 -5.08 6.79
N VAL A 230 20.88 -4.29 6.73
CA VAL A 230 21.62 -3.91 7.93
C VAL A 230 20.67 -3.16 8.87
N ARG A 231 20.86 -3.34 10.17
CA ARG A 231 20.01 -2.68 11.15
C ARG A 231 19.94 -1.18 10.88
N PRO A 232 18.72 -0.65 10.66
CA PRO A 232 18.59 0.78 10.41
C PRO A 232 19.05 1.54 11.65
N ASP A 233 19.54 2.76 11.46
CA ASP A 233 20.00 3.55 12.60
C ASP A 233 18.82 3.76 13.53
N ASN A 234 19.07 3.65 14.83
CA ASN A 234 18.08 3.82 15.87
C ASN A 234 16.88 2.89 15.78
N CYS A 235 17.07 1.73 15.17
CA CYS A 235 15.98 0.78 15.09
C CYS A 235 15.99 -0.12 16.32
N PRO A 236 14.86 -0.18 17.05
CA PRO A 236 14.76 -1.02 18.25
C PRO A 236 15.02 -2.45 17.81
N GLU A 237 15.81 -3.18 18.59
CA GLU A 237 16.15 -4.54 18.24
C GLU A 237 14.93 -5.46 18.11
N GLU A 238 13.93 -5.29 18.97
CA GLU A 238 12.74 -6.12 18.91
C GLU A 238 12.07 -5.98 17.55
N LEU A 239 12.02 -4.76 17.06
CA LEU A 239 11.41 -4.46 15.77
C LEU A 239 12.28 -5.05 14.67
N TYR A 240 13.59 -4.96 14.85
CA TYR A 240 14.49 -5.50 13.83
C TYR A 240 14.28 -7.00 13.70
N GLN A 241 14.16 -7.69 14.84
CA GLN A 241 13.94 -9.12 14.80
C GLN A 241 12.58 -9.43 14.19
N LEU A 242 11.62 -8.51 14.32
CA LEU A 242 10.30 -8.76 13.73
C LEU A 242 10.46 -8.67 12.21
N MET A 243 11.24 -7.70 11.75
CA MET A 243 11.51 -7.54 10.33
C MET A 243 12.15 -8.82 9.77
N ARG A 244 13.13 -9.35 10.49
CA ARG A 244 13.82 -10.55 10.03
C ARG A 244 12.86 -11.77 9.88
N LEU A 245 11.79 -11.79 10.67
CA LEU A 245 10.80 -12.88 10.54
C LEU A 245 10.14 -12.73 9.17
N CYS A 246 9.85 -11.48 8.81
CA CYS A 246 9.22 -11.18 7.54
C CYS A 246 10.16 -11.54 6.38
N TRP A 247 11.45 -11.64 6.67
CA TRP A 247 12.40 -11.94 5.60
C TRP A 247 12.96 -13.36 5.58
N LYS A 248 12.26 -14.29 6.21
CA LYS A 248 12.71 -15.68 6.20
C LYS A 248 12.74 -16.21 4.77
N GLU A 249 13.69 -17.10 4.50
CA GLU A 249 13.86 -17.69 3.17
C GLU A 249 12.61 -18.34 2.59
N ARG A 250 12.05 -19.28 3.35
CA ARG A 250 10.84 -19.99 2.94
C ARG A 250 9.58 -19.16 3.15
N PRO A 251 8.83 -18.87 2.07
CA PRO A 251 7.61 -18.08 2.26
C PRO A 251 6.77 -18.62 3.42
N GLU A 252 6.57 -19.93 3.43
CA GLU A 252 5.77 -20.57 4.45
C GLU A 252 6.28 -20.29 5.88
N ASP A 253 7.55 -19.94 6.02
CA ASP A 253 8.09 -19.68 7.36
C ASP A 253 7.81 -18.27 7.88
N ARG A 254 7.41 -17.37 6.99
CA ARG A 254 7.11 -16.00 7.37
C ARG A 254 5.77 -16.01 8.11
N PRO A 255 5.60 -15.14 9.13
CA PRO A 255 4.36 -15.10 9.90
C PRO A 255 3.14 -14.56 9.16
N THR A 256 1.96 -14.71 9.78
CA THR A 256 0.72 -14.22 9.22
C THR A 256 0.63 -12.74 9.56
N PHE A 257 -0.21 -12.01 8.86
CA PHE A 257 -0.34 -10.59 9.17
C PHE A 257 -1.05 -10.41 10.50
N ASP A 258 -1.86 -11.39 10.89
CA ASP A 258 -2.54 -11.25 12.16
C ASP A 258 -1.53 -11.36 13.28
N TYR A 259 -0.55 -12.25 13.11
CA TYR A 259 0.50 -12.40 14.11
C TYR A 259 1.26 -11.08 14.22
N LEU A 260 1.66 -10.55 13.06
CA LEU A 260 2.40 -9.28 13.03
C LEU A 260 1.62 -8.16 13.71
N ARG A 261 0.32 -8.10 13.46
CA ARG A 261 -0.53 -7.08 14.07
C ARG A 261 -0.44 -7.23 15.58
N SER A 262 -0.69 -8.46 16.05
CA SER A 262 -0.68 -8.79 17.46
C SER A 262 0.59 -8.34 18.16
N VAL A 263 1.72 -8.72 17.59
CA VAL A 263 3.01 -8.38 18.16
C VAL A 263 3.24 -6.86 18.18
N LEU A 264 2.98 -6.20 17.06
CA LEU A 264 3.18 -4.76 16.99
C LEU A 264 2.32 -4.00 17.99
N GLU A 265 1.12 -4.53 18.25
CA GLU A 265 0.24 -3.89 19.21
C GLU A 265 0.83 -4.04 20.63
N ASP A 266 1.51 -5.16 20.87
CA ASP A 266 2.14 -5.38 22.16
C ASP A 266 3.33 -4.41 22.28
N PHE A 267 4.10 -4.29 21.20
CA PHE A 267 5.23 -3.37 21.16
C PHE A 267 4.73 -1.96 21.47
N PHE A 268 3.58 -1.62 20.89
CA PHE A 268 2.96 -0.32 21.08
C PHE A 268 2.60 -0.05 22.54
N THR A 269 1.79 -0.92 23.14
CA THR A 269 1.39 -0.72 24.53
C THR A 269 2.58 -0.74 25.49
N ALA A 270 3.66 -1.41 25.09
CA ALA A 270 4.84 -1.50 25.95
C ALA A 270 5.64 -0.19 25.91
N THR A 271 5.40 0.61 24.89
CA THR A 271 6.10 1.89 24.76
C THR A 271 5.19 3.10 24.94
S SO4 B . 22.83 -10.69 8.68
O1 SO4 B . 21.54 -10.64 7.95
O2 SO4 B . 23.84 -9.84 7.93
O3 SO4 B . 22.64 -10.07 10.02
O4 SO4 B . 23.36 -12.06 8.83
C1 AM9 C . -5.10 11.42 -0.80
N1 AM9 C . -4.54 11.14 -2.03
C2 AM9 C . -4.94 10.12 -2.81
C3 AM9 C . -6.04 9.28 -2.27
C4 AM9 C . -6.65 9.57 -0.97
N2 AM9 C . -6.14 10.65 -0.29
N3 AM9 C . -4.53 12.46 -0.07
C5 AM9 C . -3.36 13.22 -0.27
C6 AM9 C . -2.30 12.71 -1.16
C7 AM9 C . -1.16 13.49 -1.48
C8 AM9 C . -1.15 14.79 -0.87
C9 AM9 C . -2.19 15.34 0.05
C10 AM9 C . -3.32 14.52 0.36
N4 AM9 C . -4.26 9.86 -4.08
C11 AM9 C . -4.59 8.82 -4.92
N5 AM9 C . -5.64 7.97 -4.47
C12 AM9 C . -6.31 8.22 -3.18
C13 AM9 C . -3.18 10.49 -4.79
C14 AM9 C . -2.86 9.77 -6.04
N6 AM9 C . -3.77 8.74 -6.09
C15 AM9 C . -2.32 11.66 -4.51
C16 AM9 C . -1.22 12.11 -5.38
C17 AM9 C . -0.98 11.35 -6.58
C18 AM9 C . -1.77 10.19 -6.94
O1 AM9 C . -7.14 7.44 -2.71
C19 AM9 C . -6.10 6.98 -5.31
C20 AM9 C . -7.30 7.20 -6.14
C21 AM9 C . -7.77 6.15 -7.00
C22 AM9 C . -7.14 4.86 -7.09
C23 AM9 C . -5.99 4.70 -6.26
C24 AM9 C . -5.45 5.70 -5.37
C25 AM9 C . -4.25 5.36 -4.51
C26 AM9 C . -7.99 8.55 -6.06
N7 AM9 C . -0.06 15.48 -1.33
C27 AM9 C . 0.79 16.03 -0.31
C28 AM9 C . 1.19 17.45 -0.67
N8 AM9 C . 1.65 17.43 -2.07
C29 AM9 C . 0.54 17.16 -3.01
C30 AM9 C . 0.30 15.66 -2.79
C31 AM9 C . 1.93 18.83 -2.34
#